data_7L7O
#
_entry.id   7L7O
#
_cell.length_a   55.133
_cell.length_b   58.752
_cell.length_c   59.731
_cell.angle_alpha   90.000
_cell.angle_beta   90.000
_cell.angle_gamma   90.000
#
_symmetry.space_group_name_H-M   'P 21 21 21'
#
loop_
_entity.id
_entity.type
_entity.pdbx_description
1 polymer 'NS3/4A protease'
2 non-polymer 'ZINC ION'
3 non-polymer '(1R,3r,5S)-bicyclo[3.1.0]hexan-3-yl [(2R,6S,12Z,13aS,14aR,16aS)-2-{[6-methoxy-3-(trifluoromethyl)quinoxalin-2-yl]oxy}-14a-{[(1-methylcyclopropyl)sulfonyl]carbamoyl}-5,16-dioxo-1,2,3,5,6,7,8,9,10,11,13a,14,14a,15,16,16a-hexadecahydrocyclopropa[e]pyrrolo[1,2-a][1,4]diazacyclopentadecin-6-yl]carbamate'
4 non-polymer 1,2-ETHANEDIOL
5 non-polymer 'SULFATE ION'
6 water water
#
_entity_poly.entity_id   1
_entity_poly.type   'polypeptide(L)'
_entity_poly.pdbx_seq_one_letter_code
;HMASMKKKGSVVIVGRINLSGDTAYAQQTRGEEGCQETSQTGRDKNQVEGEVQIVSTATQTFLATSINGVLWTVYHGAGT
RTIASPKGPVTQMYTNVDKDLVGWQAPQGSRSLTPCTCGSSDLYLVTRHADVIPVRRRGDSRGSLLSPRPISYLKGSSGG
PLLCPAGHAVGIFRAAVSTRGVAKAVAFIPVESLETTMRS
;
_entity_poly.pdbx_strand_id   A
#
# COMPACT_ATOMS: atom_id res chain seq x y z
N HIS A 1 -28.46 18.84 -3.10
CA HIS A 1 -29.36 18.73 -1.95
C HIS A 1 -29.37 17.31 -1.37
N MET A 2 -30.09 17.12 -0.27
CA MET A 2 -29.93 15.91 0.54
C MET A 2 -30.34 14.66 -0.23
N ALA A 3 -31.41 14.74 -1.05
CA ALA A 3 -31.89 13.56 -1.73
C ALA A 3 -30.87 13.00 -2.71
N SER A 4 -30.03 13.86 -3.29
CA SER A 4 -29.12 13.46 -4.35
C SER A 4 -27.69 13.25 -3.86
N MET A 5 -27.41 13.46 -2.58
CA MET A 5 -26.06 13.33 -2.07
C MET A 5 -25.54 11.93 -2.35
N LYS A 6 -24.34 11.87 -2.93
CA LYS A 6 -23.71 10.61 -3.28
C LYS A 6 -22.78 10.14 -2.17
N LYS A 7 -22.48 8.84 -2.20
CA LYS A 7 -21.53 8.22 -1.27
C LYS A 7 -20.30 7.83 -2.08
N LYS A 8 -19.11 8.09 -1.53
CA LYS A 8 -17.89 7.63 -2.17
C LYS A 8 -17.84 6.11 -2.14
N GLY A 9 -17.24 5.54 -3.16
CA GLY A 9 -17.13 4.10 -3.23
C GLY A 9 -16.07 3.59 -2.29
N SER A 10 -15.97 2.27 -2.24
CA SER A 10 -14.94 1.59 -1.49
C SER A 10 -13.65 1.54 -2.29
N VAL A 11 -12.53 1.47 -1.58
CA VAL A 11 -11.29 0.96 -2.14
C VAL A 11 -11.51 -0.49 -2.54
N VAL A 12 -10.92 -0.90 -3.66
CA VAL A 12 -11.08 -2.22 -4.23
C VAL A 12 -9.70 -2.82 -4.51
N ILE A 13 -9.49 -4.06 -4.11
CA ILE A 13 -8.28 -4.79 -4.47
C ILE A 13 -8.41 -5.20 -5.93
N VAL A 14 -7.46 -4.78 -6.75
CA VAL A 14 -7.47 -5.09 -8.17
C VAL A 14 -6.30 -5.96 -8.58
N GLY A 15 -5.39 -6.24 -7.67
CA GLY A 15 -4.24 -7.04 -8.02
C GLY A 15 -3.37 -7.27 -6.81
N ARG A 16 -2.22 -7.87 -7.06
CA ARG A 16 -1.25 -8.09 -6.00
C ARG A 16 0.14 -8.16 -6.59
N ILE A 17 1.12 -7.98 -5.71
CA ILE A 17 2.52 -8.19 -6.05
C ILE A 17 2.89 -9.56 -5.52
N ASN A 18 3.24 -10.46 -6.42
CA ASN A 18 3.59 -11.81 -6.05
C ASN A 18 5.06 -11.85 -5.65
N LEU A 19 5.30 -12.21 -4.38
CA LEU A 19 6.64 -12.34 -3.84
C LEU A 19 6.91 -13.77 -3.37
N SER A 20 6.08 -14.72 -3.80
CA SER A 20 6.10 -16.06 -3.23
C SER A 20 7.25 -16.90 -3.76
N GLY A 21 7.83 -16.54 -4.90
CA GLY A 21 8.86 -17.36 -5.49
C GLY A 21 10.18 -16.64 -5.62
N ASP A 22 10.93 -16.96 -6.67
CA ASP A 22 12.22 -16.34 -6.95
C ASP A 22 12.10 -15.08 -7.80
N THR A 23 10.92 -14.81 -8.38
CA THR A 23 10.71 -13.67 -9.27
C THR A 23 9.49 -12.90 -8.77
N ALA A 24 9.66 -11.60 -8.55
CA ALA A 24 8.53 -10.77 -8.16
C ALA A 24 7.80 -10.34 -9.41
N TYR A 25 6.47 -10.39 -9.38
CA TYR A 25 5.71 -9.90 -10.53
C TYR A 25 4.33 -9.44 -10.09
N ALA A 26 3.80 -8.47 -10.83
CA ALA A 26 2.45 -8.00 -10.59
C ALA A 26 1.43 -8.91 -11.25
N GLN A 27 0.31 -9.15 -10.56
CA GLN A 27 -0.82 -9.89 -11.10
C GLN A 27 -2.05 -9.01 -10.99
N GLN A 28 -2.80 -8.89 -12.07
CA GLN A 28 -4.10 -8.25 -12.01
C GLN A 28 -5.14 -9.31 -11.68
N THR A 29 -6.04 -8.99 -10.75
CA THR A 29 -7.13 -9.88 -10.40
C THR A 29 -8.51 -9.31 -10.73
N ARG A 30 -8.60 -8.03 -11.05
CA ARG A 30 -9.88 -7.43 -11.45
C ARG A 30 -9.62 -6.31 -12.43
N GLY A 31 -10.41 -6.29 -13.53
CA GLY A 31 -10.37 -5.22 -14.51
C GLY A 31 -11.15 -3.97 -14.11
N GLU A 32 -10.97 -2.90 -14.91
CA GLU A 32 -11.45 -1.58 -14.52
C GLU A 32 -12.96 -1.55 -14.37
N GLU A 33 -13.68 -2.25 -15.26
CA GLU A 33 -15.14 -2.25 -15.17
C GLU A 33 -15.61 -2.93 -13.89
N GLY A 34 -15.07 -4.12 -13.60
CA GLY A 34 -15.42 -4.82 -12.38
C GLY A 34 -15.00 -4.08 -11.13
N CYS A 35 -13.89 -3.36 -11.20
CA CYS A 35 -13.50 -2.49 -10.11
C CYS A 35 -14.55 -1.41 -9.86
N GLN A 36 -14.99 -0.73 -10.92
CA GLN A 36 -16.02 0.30 -10.79
C GLN A 36 -17.26 -0.25 -10.09
N GLU A 37 -17.72 -1.44 -10.52
CA GLU A 37 -18.92 -2.01 -9.91
C GLU A 37 -18.67 -2.42 -8.47
N THR A 38 -17.52 -3.02 -8.18
CA THR A 38 -17.22 -3.45 -6.81
C THR A 38 -17.04 -2.27 -5.89
N SER A 39 -16.57 -1.14 -6.42
CA SER A 39 -16.42 0.05 -5.58
C SER A 39 -17.78 0.54 -5.12
N GLN A 40 -18.78 0.43 -5.99
CA GLN A 40 -20.09 0.93 -5.62
C GLN A 40 -20.79 0.01 -4.64
N THR A 41 -20.72 -1.29 -4.85
CA THR A 41 -21.40 -2.22 -3.97
C THR A 41 -20.63 -2.47 -2.69
N GLY A 42 -19.29 -2.36 -2.75
CA GLY A 42 -18.50 -2.78 -1.62
C GLY A 42 -18.38 -4.27 -1.46
N ARG A 43 -18.87 -5.05 -2.41
CA ARG A 43 -18.89 -6.50 -2.29
C ARG A 43 -17.90 -7.09 -3.28
N ASP A 44 -16.81 -7.63 -2.75
CA ASP A 44 -15.72 -8.21 -3.54
C ASP A 44 -15.62 -9.67 -3.14
N LYS A 45 -16.06 -10.56 -4.03
CA LYS A 45 -15.99 -12.00 -3.78
C LYS A 45 -14.66 -12.62 -4.21
N ASN A 46 -13.74 -11.85 -4.77
CA ASN A 46 -12.51 -12.46 -5.25
C ASN A 46 -11.69 -13.00 -4.09
N GLN A 47 -10.96 -14.08 -4.35
CA GLN A 47 -10.02 -14.60 -3.36
C GLN A 47 -8.80 -13.68 -3.29
N VAL A 48 -8.40 -13.33 -2.08
CA VAL A 48 -7.23 -12.49 -1.83
C VAL A 48 -6.07 -13.40 -1.45
N GLU A 49 -4.88 -13.09 -1.97
CA GLU A 49 -3.67 -13.78 -1.58
C GLU A 49 -2.55 -12.76 -1.43
N GLY A 50 -1.55 -13.13 -0.64
CA GLY A 50 -0.32 -12.38 -0.58
C GLY A 50 -0.31 -11.21 0.38
N GLU A 51 0.85 -10.55 0.40
CA GLU A 51 1.19 -9.50 1.35
C GLU A 51 0.94 -8.09 0.83
N VAL A 52 1.22 -7.84 -0.45
CA VAL A 52 1.08 -6.52 -1.06
C VAL A 52 -0.05 -6.58 -2.08
N GLN A 53 -1.08 -5.78 -1.86
CA GLN A 53 -2.22 -5.66 -2.76
C GLN A 53 -2.08 -4.41 -3.60
N ILE A 54 -2.53 -4.49 -4.85
CA ILE A 54 -2.78 -3.31 -5.66
C ILE A 54 -4.24 -2.91 -5.45
N VAL A 55 -4.49 -1.65 -5.11
CA VAL A 55 -5.83 -1.19 -4.79
C VAL A 55 -6.18 0.02 -5.64
N SER A 56 -7.48 0.24 -5.81
N SER A 56 -7.49 0.25 -5.81
CA SER A 56 -7.92 1.35 -6.63
CA SER A 56 -7.92 1.37 -6.64
C SER A 56 -9.20 1.96 -6.06
C SER A 56 -9.21 1.96 -6.08
N THR A 57 -9.37 3.26 -6.29
CA THR A 57 -10.65 3.94 -6.14
C THR A 57 -11.14 4.29 -7.54
N ALA A 58 -12.20 5.11 -7.63
CA ALA A 58 -12.62 5.49 -8.97
C ALA A 58 -11.57 6.35 -9.67
N THR A 59 -10.71 7.01 -8.90
CA THR A 59 -9.84 8.04 -9.42
C THR A 59 -8.37 7.81 -9.18
N GLN A 60 -7.99 6.84 -8.33
N GLN A 60 -7.99 6.86 -8.31
CA GLN A 60 -6.59 6.67 -7.99
CA GLN A 60 -6.58 6.66 -8.01
C GLN A 60 -6.25 5.19 -7.84
C GLN A 60 -6.26 5.17 -7.94
N THR A 61 -4.98 4.85 -8.09
CA THR A 61 -4.51 3.49 -7.82
C THR A 61 -3.19 3.56 -7.09
N PHE A 62 -3.00 2.62 -6.16
CA PHE A 62 -1.86 2.67 -5.25
C PHE A 62 -1.76 1.27 -4.64
N LEU A 63 -1.00 1.13 -3.57
CA LEU A 63 -0.76 -0.17 -2.98
C LEU A 63 -1.22 -0.20 -1.53
N ALA A 64 -1.36 -1.42 -1.01
CA ALA A 64 -1.67 -1.64 0.39
C ALA A 64 -0.94 -2.90 0.87
N THR A 65 -0.46 -2.87 2.12
CA THR A 65 0.46 -3.88 2.63
C THR A 65 -0.05 -4.43 3.96
N SER A 66 -0.15 -5.77 4.06
N SER A 66 -0.13 -5.76 4.05
CA SER A 66 -0.59 -6.42 5.29
CA SER A 66 -0.56 -6.42 5.27
C SER A 66 0.61 -6.61 6.21
C SER A 66 0.63 -6.61 6.20
N ILE A 67 0.50 -6.07 7.42
CA ILE A 67 1.50 -6.24 8.49
C ILE A 67 0.74 -6.51 9.77
N ASN A 68 1.08 -7.60 10.46
CA ASN A 68 0.44 -8.02 11.71
C ASN A 68 -1.09 -7.98 11.67
N GLY A 69 -1.66 -8.51 10.59
CA GLY A 69 -3.10 -8.68 10.48
C GLY A 69 -3.88 -7.43 10.15
N VAL A 70 -3.20 -6.37 9.72
CA VAL A 70 -3.82 -5.11 9.28
C VAL A 70 -3.33 -4.82 7.87
N LEU A 71 -4.27 -4.48 6.98
CA LEU A 71 -3.94 -3.98 5.65
C LEU A 71 -3.80 -2.46 5.73
N TRP A 72 -2.58 -1.98 5.54
CA TRP A 72 -2.20 -0.59 5.71
C TRP A 72 -2.03 0.10 4.37
N THR A 73 -2.42 1.37 4.32
CA THR A 73 -2.12 2.18 3.13
C THR A 73 -2.05 3.64 3.55
N VAL A 74 -1.95 4.51 2.56
CA VAL A 74 -1.83 5.94 2.78
C VAL A 74 -3.19 6.62 2.75
N TYR A 75 -3.34 7.60 3.63
CA TYR A 75 -4.54 8.42 3.63
C TYR A 75 -4.69 9.23 2.32
N HIS A 76 -3.59 9.69 1.69
CA HIS A 76 -3.71 10.49 0.45
C HIS A 76 -4.23 9.64 -0.73
N GLY A 77 -4.24 8.32 -0.58
CA GLY A 77 -4.89 7.44 -1.52
C GLY A 77 -6.31 7.06 -1.09
N ALA A 78 -6.48 6.61 0.16
CA ALA A 78 -7.74 6.01 0.56
C ALA A 78 -8.71 6.98 1.22
N GLY A 79 -8.24 8.12 1.71
CA GLY A 79 -9.08 8.92 2.59
C GLY A 79 -9.66 8.08 3.69
N THR A 80 -10.93 8.33 4.01
CA THR A 80 -11.66 7.59 5.02
C THR A 80 -12.48 6.43 4.45
N ARG A 81 -12.17 6.00 3.23
N ARG A 81 -12.15 5.97 3.25
CA ARG A 81 -13.05 5.07 2.55
CA ARG A 81 -13.04 5.05 2.57
C ARG A 81 -13.02 3.67 3.18
C ARG A 81 -13.01 3.66 3.20
N THR A 82 -14.15 2.98 3.07
CA THR A 82 -14.22 1.56 3.31
C THR A 82 -13.42 0.80 2.26
N ILE A 83 -13.18 -0.48 2.55
CA ILE A 83 -12.61 -1.40 1.56
C ILE A 83 -13.64 -2.48 1.26
N ALA A 84 -13.70 -2.89 0.00
CA ALA A 84 -14.65 -3.90 -0.43
C ALA A 84 -14.22 -5.26 0.10
N SER A 85 -15.20 -6.11 0.43
CA SER A 85 -14.93 -7.41 1.01
C SER A 85 -16.06 -8.35 0.62
N PRO A 86 -15.92 -9.65 0.90
CA PRO A 86 -16.99 -10.59 0.45
C PRO A 86 -18.36 -10.31 1.04
N LYS A 87 -18.42 -9.71 2.22
CA LYS A 87 -19.68 -9.44 2.91
C LYS A 87 -20.05 -7.96 2.88
N GLY A 88 -19.38 -7.16 2.05
CA GLY A 88 -19.70 -5.76 1.93
C GLY A 88 -18.60 -4.86 2.47
N PRO A 89 -18.89 -3.56 2.52
CA PRO A 89 -17.83 -2.59 2.86
C PRO A 89 -17.36 -2.75 4.29
N VAL A 90 -16.05 -2.63 4.46
CA VAL A 90 -15.39 -2.75 5.76
C VAL A 90 -14.83 -1.40 6.14
N THR A 91 -15.22 -0.92 7.33
CA THR A 91 -14.75 0.36 7.84
C THR A 91 -13.32 0.28 8.34
N GLN A 92 -12.58 1.37 8.13
CA GLN A 92 -11.22 1.46 8.63
C GLN A 92 -11.18 1.20 10.13
N MET A 93 -10.17 0.48 10.56
CA MET A 93 -9.90 0.32 11.98
C MET A 93 -8.80 1.25 12.50
N TYR A 94 -8.02 1.87 11.61
CA TYR A 94 -7.04 2.90 11.93
C TYR A 94 -7.16 4.02 10.90
N THR A 95 -7.12 5.25 11.37
CA THR A 95 -7.06 6.42 10.49
C THR A 95 -6.18 7.44 11.19
N ASN A 96 -5.10 7.86 10.53
CA ASN A 96 -4.24 8.90 11.12
C ASN A 96 -3.71 9.83 10.04
N VAL A 97 -4.45 10.92 9.79
CA VAL A 97 -4.05 11.86 8.76
C VAL A 97 -2.68 12.46 9.06
N ASP A 98 -2.32 12.60 10.34
CA ASP A 98 -1.02 13.20 10.67
C ASP A 98 0.14 12.34 10.21
N LYS A 99 -0.06 11.04 10.09
CA LYS A 99 0.96 10.12 9.58
C LYS A 99 0.71 9.71 8.15
N ASP A 100 -0.32 10.25 7.51
CA ASP A 100 -0.75 9.86 6.17
C ASP A 100 -1.07 8.37 6.09
N LEU A 101 -1.76 7.85 7.10
CA LEU A 101 -1.87 6.41 7.30
C LEU A 101 -3.29 5.94 7.57
N VAL A 102 -3.70 4.84 6.95
CA VAL A 102 -4.97 4.21 7.30
C VAL A 102 -4.76 2.71 7.31
N GLY A 103 -5.70 2.01 7.93
CA GLY A 103 -5.60 0.56 7.98
C GLY A 103 -6.95 -0.05 8.15
N TRP A 104 -7.12 -1.22 7.56
CA TRP A 104 -8.30 -2.05 7.71
C TRP A 104 -7.88 -3.43 8.17
N GLN A 105 -8.78 -4.18 8.78
CA GLN A 105 -8.47 -5.57 9.08
C GLN A 105 -8.00 -6.27 7.81
N ALA A 106 -6.96 -7.07 7.92
CA ALA A 106 -6.42 -7.71 6.74
C ALA A 106 -7.43 -8.69 6.15
N PRO A 107 -7.56 -8.75 4.82
CA PRO A 107 -8.58 -9.61 4.17
C PRO A 107 -8.35 -11.11 4.35
N GLN A 108 -9.44 -11.86 4.30
CA GLN A 108 -9.46 -13.20 4.73
C GLN A 108 -8.49 -13.78 3.62
N GLY A 109 -7.41 -14.52 3.88
CA GLY A 109 -6.64 -15.08 2.76
C GLY A 109 -5.36 -14.35 2.43
N SER A 110 -5.21 -13.09 2.84
CA SER A 110 -3.94 -12.40 2.77
C SER A 110 -2.92 -13.08 3.69
N ARG A 111 -1.66 -12.77 3.44
CA ARG A 111 -0.55 -13.10 4.33
C ARG A 111 0.04 -11.79 4.85
N SER A 112 0.47 -11.77 6.12
CA SER A 112 1.03 -10.55 6.70
C SER A 112 2.53 -10.62 6.78
N LEU A 113 3.16 -9.48 6.57
CA LEU A 113 4.56 -9.29 6.88
C LEU A 113 4.71 -9.10 8.39
N THR A 114 5.88 -9.46 8.89
CA THR A 114 6.24 -9.30 10.29
C THR A 114 7.03 -8.02 10.49
N PRO A 115 6.72 -7.24 11.51
CA PRO A 115 7.47 -6.00 11.73
C PRO A 115 8.94 -6.29 12.02
N CYS A 116 9.80 -5.51 11.37
CA CYS A 116 11.23 -5.71 11.49
C CYS A 116 11.75 -5.25 12.84
N THR A 117 12.61 -6.07 13.45
CA THR A 117 13.35 -5.70 14.65
C THR A 117 14.84 -5.83 14.42
N CYS A 118 15.27 -5.90 13.15
CA CYS A 118 16.67 -6.13 12.84
C CYS A 118 17.55 -4.90 13.10
N GLY A 119 16.98 -3.70 13.03
CA GLY A 119 17.81 -2.51 13.13
C GLY A 119 18.79 -2.31 11.99
N SER A 120 18.53 -2.90 10.81
CA SER A 120 19.33 -2.77 9.61
C SER A 120 18.92 -1.57 8.77
N SER A 121 19.88 -1.01 8.03
CA SER A 121 19.66 0.13 7.15
C SER A 121 19.73 -0.23 5.67
N ASP A 122 19.85 -1.52 5.35
CA ASP A 122 19.86 -1.96 3.94
C ASP A 122 18.45 -2.44 3.63
N LEU A 123 17.69 -1.61 2.92
CA LEU A 123 16.27 -1.84 2.68
C LEU A 123 15.99 -2.10 1.20
N TYR A 124 14.76 -2.52 0.94
CA TYR A 124 14.27 -2.85 -0.40
C TYR A 124 12.85 -2.34 -0.51
N LEU A 125 12.61 -1.45 -1.47
CA LEU A 125 11.27 -0.94 -1.75
C LEU A 125 10.60 -1.75 -2.86
N VAL A 126 9.37 -2.18 -2.63
CA VAL A 126 8.61 -2.98 -3.60
C VAL A 126 7.57 -2.08 -4.27
N THR A 127 7.63 -1.96 -5.59
CA THR A 127 6.73 -1.05 -6.30
C THR A 127 5.57 -1.82 -6.92
N ARG A 128 4.60 -1.06 -7.46
CA ARG A 128 3.42 -1.67 -8.06
C ARG A 128 3.73 -2.43 -9.34
N HIS A 129 4.93 -2.23 -9.89
CA HIS A 129 5.39 -3.00 -11.04
C HIS A 129 6.25 -4.18 -10.65
N ALA A 130 6.33 -4.47 -9.36
CA ALA A 130 7.12 -5.56 -8.80
C ALA A 130 8.61 -5.31 -8.95
N ASP A 131 9.02 -4.06 -9.12
CA ASP A 131 10.44 -3.74 -8.99
C ASP A 131 10.81 -3.80 -7.51
N VAL A 132 11.98 -4.35 -7.22
CA VAL A 132 12.54 -4.40 -5.87
C VAL A 132 13.75 -3.48 -5.88
N ILE A 133 13.63 -2.33 -5.23
CA ILE A 133 14.56 -1.23 -5.39
C ILE A 133 15.38 -1.12 -4.12
N PRO A 134 16.70 -1.33 -4.16
CA PRO A 134 17.49 -1.13 -2.95
C PRO A 134 17.47 0.33 -2.51
N VAL A 135 17.31 0.52 -1.21
CA VAL A 135 17.18 1.82 -0.56
C VAL A 135 18.02 1.76 0.70
N ARG A 136 18.92 2.73 0.87
CA ARG A 136 19.68 2.86 2.11
C ARG A 136 18.88 3.72 3.09
N ARG A 137 18.64 3.19 4.29
CA ARG A 137 17.94 3.99 5.30
C ARG A 137 18.81 5.18 5.72
N ARG A 138 18.20 6.37 5.74
CA ARG A 138 18.94 7.58 6.06
C ARG A 138 18.40 8.33 7.27
N GLY A 139 17.33 7.83 7.89
CA GLY A 139 16.80 8.40 9.10
C GLY A 139 15.59 7.59 9.53
N ASP A 140 14.86 8.10 10.52
CA ASP A 140 13.69 7.36 10.98
C ASP A 140 12.67 7.16 9.86
N SER A 141 12.53 8.13 8.95
CA SER A 141 11.48 8.02 7.95
C SER A 141 11.95 8.35 6.53
N ARG A 142 13.25 8.24 6.25
CA ARG A 142 13.80 8.57 4.94
C ARG A 142 14.80 7.49 4.50
N GLY A 143 14.87 7.26 3.20
CA GLY A 143 15.89 6.40 2.63
C GLY A 143 16.26 6.87 1.24
N SER A 144 17.49 6.60 0.83
CA SER A 144 17.97 7.01 -0.48
C SER A 144 17.98 5.84 -1.44
N LEU A 145 17.60 6.09 -2.69
N LEU A 145 17.61 6.09 -2.69
CA LEU A 145 17.69 5.07 -3.72
CA LEU A 145 17.70 5.04 -3.68
C LEU A 145 19.16 4.87 -4.06
C LEU A 145 19.15 4.85 -4.08
N LEU A 146 19.60 3.61 -4.10
CA LEU A 146 20.95 3.36 -4.55
C LEU A 146 21.09 3.71 -6.02
N SER A 147 20.01 3.58 -6.79
CA SER A 147 19.99 3.88 -8.22
C SER A 147 18.79 4.79 -8.43
N PRO A 148 19.00 6.10 -8.44
CA PRO A 148 17.86 7.01 -8.64
C PRO A 148 17.16 6.77 -9.97
N ARG A 149 15.89 7.13 -10.04
CA ARG A 149 15.16 7.00 -11.29
C ARG A 149 14.03 8.01 -11.30
N PRO A 150 13.47 8.29 -12.48
CA PRO A 150 12.39 9.28 -12.55
C PRO A 150 11.23 8.91 -11.64
N ILE A 151 10.57 9.94 -11.13
CA ILE A 151 9.45 9.69 -10.21
C ILE A 151 8.33 8.91 -10.89
N SER A 152 8.25 8.98 -12.22
CA SER A 152 7.27 8.20 -12.97
C SER A 152 7.26 6.73 -12.56
N TYR A 153 8.44 6.20 -12.24
CA TYR A 153 8.59 4.79 -11.92
C TYR A 153 8.07 4.45 -10.54
N LEU A 154 7.95 5.43 -9.66
CA LEU A 154 7.46 5.25 -8.31
C LEU A 154 6.00 5.61 -8.15
N LYS A 155 5.44 6.39 -9.09
CA LYS A 155 4.04 6.82 -9.00
C LYS A 155 3.14 5.61 -8.94
N GLY A 156 2.21 5.64 -7.98
CA GLY A 156 1.27 4.57 -7.76
C GLY A 156 1.76 3.49 -6.82
N SER A 157 2.89 3.69 -6.15
CA SER A 157 3.43 2.69 -5.24
C SER A 157 3.32 3.12 -3.79
N SER A 158 2.77 4.30 -3.49
CA SER A 158 2.48 4.63 -2.10
C SER A 158 1.64 3.51 -1.49
N GLY A 159 1.89 3.23 -0.21
CA GLY A 159 1.27 2.10 0.44
C GLY A 159 2.07 0.82 0.36
N GLY A 160 3.07 0.76 -0.52
CA GLY A 160 3.92 -0.39 -0.64
C GLY A 160 4.94 -0.46 0.48
N PRO A 161 5.56 -1.62 0.62
CA PRO A 161 6.51 -1.82 1.73
C PRO A 161 7.95 -1.47 1.39
N LEU A 162 8.65 -1.02 2.43
CA LEU A 162 10.10 -1.14 2.51
C LEU A 162 10.39 -2.32 3.42
N LEU A 163 11.24 -3.23 2.94
CA LEU A 163 11.57 -4.47 3.64
C LEU A 163 13.04 -4.48 4.02
N CYS A 164 13.38 -5.22 5.07
CA CYS A 164 14.78 -5.47 5.43
C CYS A 164 15.34 -6.65 4.61
N PRO A 165 16.64 -6.97 4.78
CA PRO A 165 17.18 -8.11 4.03
C PRO A 165 16.47 -9.43 4.30
N ALA A 166 15.90 -9.59 5.48
CA ALA A 166 15.19 -10.81 5.86
C ALA A 166 13.72 -10.78 5.49
N GLY A 167 13.28 -9.75 4.78
CA GLY A 167 11.90 -9.74 4.34
C GLY A 167 10.90 -9.25 5.36
N HIS A 168 11.37 -8.66 6.45
CA HIS A 168 10.44 -8.05 7.39
C HIS A 168 10.00 -6.67 6.90
N ALA A 169 8.87 -6.19 7.41
CA ALA A 169 8.39 -4.85 7.06
C ALA A 169 9.09 -3.81 7.91
N VAL A 170 9.72 -2.82 7.25
CA VAL A 170 10.38 -1.71 7.94
C VAL A 170 9.53 -0.45 7.86
N GLY A 171 8.73 -0.33 6.81
CA GLY A 171 7.87 0.84 6.70
C GLY A 171 6.98 0.78 5.47
N ILE A 172 6.14 1.81 5.35
CA ILE A 172 5.18 1.97 4.27
C ILE A 172 5.58 3.21 3.45
N PHE A 173 5.78 3.03 2.13
CA PHE A 173 6.18 4.14 1.22
C PHE A 173 5.10 5.23 1.20
N ARG A 174 5.50 6.47 1.47
N ARG A 174 5.52 6.48 1.44
CA ARG A 174 4.59 7.61 1.55
CA ARG A 174 4.62 7.62 1.61
C ARG A 174 4.79 8.62 0.45
C ARG A 174 4.79 8.66 0.51
N ALA A 175 6.02 9.08 0.23
CA ALA A 175 6.27 10.18 -0.67
C ALA A 175 7.68 10.10 -1.25
N ALA A 176 7.87 10.75 -2.39
CA ALA A 176 9.16 10.75 -3.06
C ALA A 176 9.79 12.13 -3.08
N VAL A 177 11.08 12.19 -2.81
CA VAL A 177 11.86 13.42 -2.83
C VAL A 177 12.39 13.55 -4.25
N SER A 178 11.90 14.55 -4.97
CA SER A 178 12.16 14.73 -6.39
C SER A 178 13.06 15.92 -6.63
N THR A 179 14.13 15.72 -7.38
CA THR A 179 14.99 16.77 -7.87
C THR A 179 14.98 16.73 -9.41
N ARG A 180 14.37 17.74 -10.03
CA ARG A 180 14.27 17.76 -11.50
C ARG A 180 13.64 16.47 -11.98
N GLY A 181 12.63 16.02 -11.23
CA GLY A 181 11.86 14.84 -11.56
C GLY A 181 12.51 13.51 -11.28
N VAL A 182 13.71 13.50 -10.70
CA VAL A 182 14.42 12.26 -10.37
C VAL A 182 14.23 11.99 -8.88
N ALA A 183 13.77 10.80 -8.56
CA ALA A 183 13.61 10.38 -7.18
C ALA A 183 14.96 9.92 -6.65
N LYS A 184 15.60 10.73 -5.80
CA LYS A 184 16.82 10.28 -5.13
C LYS A 184 16.55 9.68 -3.76
N ALA A 185 15.39 9.97 -3.17
CA ALA A 185 15.09 9.54 -1.83
C ALA A 185 13.58 9.41 -1.68
N VAL A 186 13.18 8.70 -0.65
CA VAL A 186 11.78 8.43 -0.36
C VAL A 186 11.56 8.66 1.12
N ALA A 187 10.34 9.05 1.45
CA ALA A 187 9.85 9.11 2.82
C ALA A 187 8.92 7.94 3.03
N PHE A 188 8.94 7.38 4.23
CA PHE A 188 8.09 6.25 4.55
C PHE A 188 7.61 6.36 5.98
N ILE A 189 6.49 5.70 6.24
CA ILE A 189 5.93 5.57 7.59
C ILE A 189 6.63 4.42 8.28
N PRO A 190 7.43 4.63 9.32
CA PRO A 190 8.13 3.49 9.94
C PRO A 190 7.18 2.51 10.59
N VAL A 191 7.56 1.24 10.57
CA VAL A 191 6.68 0.22 11.14
C VAL A 191 6.44 0.48 12.62
N GLU A 192 7.38 1.12 13.31
CA GLU A 192 7.15 1.41 14.74
C GLU A 192 5.96 2.32 14.92
N SER A 193 5.72 3.19 13.95
CA SER A 193 4.61 4.10 14.04
C SER A 193 3.30 3.36 13.82
N LEU A 194 3.31 2.36 12.95
CA LEU A 194 2.16 1.47 12.82
C LEU A 194 1.95 0.67 14.10
N GLU A 195 3.04 0.19 14.71
CA GLU A 195 2.90 -0.63 15.90
C GLU A 195 2.36 0.21 17.06
N THR A 196 2.73 1.48 17.12
CA THR A 196 2.15 2.37 18.13
C THR A 196 0.66 2.54 17.90
N THR A 197 0.28 2.89 16.67
CA THR A 197 -1.13 3.03 16.32
C THR A 197 -1.92 1.79 16.73
N MET A 198 -1.29 0.62 16.65
CA MET A 198 -1.92 -0.66 16.96
C MET A 198 -2.15 -0.80 18.47
#